data_4ZNX
#
_entry.id   4ZNX
#
_cell.length_a   31.658
_cell.length_b   76.664
_cell.length_c   73.175
_cell.angle_alpha   90.000
_cell.angle_beta   94.740
_cell.angle_gamma   90.000
#
_symmetry.space_group_name_H-M   'P 1 21 1'
#
loop_
_entity.id
_entity.type
_entity.pdbx_description
1 polymer 'Tyrosine-protein kinase Fyn'
2 polymer APP12
3 water water
#
loop_
_entity_poly.entity_id
_entity_poly.type
_entity_poly.pdbx_seq_one_letter_code
_entity_poly.pdbx_strand_id
1 'polypeptide(L)' VTLFVALYDYEARTEDDLSFHKGEKFQILNSSEGDWWEARSLTTGETGYIPSNYVAPV A,B,C,D
2 'polypeptide(L)' APPLPPRNRPRL E,F,G,H
#
# COMPACT_ATOMS: atom_id res chain seq x y z
N VAL A 1 -25.39 8.28 -1.94
CA VAL A 1 -24.54 9.07 -2.83
C VAL A 1 -23.26 8.31 -3.17
N THR A 2 -22.34 8.24 -2.20
CA THR A 2 -21.09 7.50 -2.39
C THR A 2 -21.24 6.05 -1.90
N LEU A 3 -21.58 5.16 -2.84
CA LEU A 3 -21.81 3.74 -2.56
C LEU A 3 -20.72 2.80 -3.04
N PHE A 4 -20.39 1.81 -2.21
CA PHE A 4 -19.36 0.83 -2.51
C PHE A 4 -19.87 -0.57 -2.23
N VAL A 5 -19.25 -1.57 -2.86
CA VAL A 5 -19.60 -2.96 -2.66
C VAL A 5 -18.37 -3.78 -2.29
N ALA A 6 -18.57 -4.75 -1.38
CA ALA A 6 -17.50 -5.61 -0.93
C ALA A 6 -17.19 -6.67 -1.95
N LEU A 7 -15.91 -6.82 -2.30
CA LEU A 7 -15.42 -7.83 -3.25
C LEU A 7 -15.00 -9.10 -2.55
N TYR A 8 -14.85 -9.04 -1.23
CA TYR A 8 -14.44 -10.18 -0.42
C TYR A 8 -15.12 -10.15 0.93
N ASP A 9 -15.09 -11.29 1.61
CA ASP A 9 -15.50 -11.35 2.99
C ASP A 9 -14.40 -10.72 3.85
N TYR A 10 -14.79 -10.12 4.97
CA TYR A 10 -13.85 -9.58 5.95
C TYR A 10 -14.38 -9.81 7.38
N GLU A 11 -13.55 -10.41 8.22
CA GLU A 11 -13.85 -10.61 9.63
C GLU A 11 -13.15 -9.52 10.42
N ALA A 12 -13.91 -8.77 11.20
CA ALA A 12 -13.37 -7.66 11.99
C ALA A 12 -12.18 -8.12 12.86
N ARG A 13 -11.14 -7.29 12.94
CA ARG A 13 -9.98 -7.62 13.77
C ARG A 13 -10.10 -6.86 15.09
N THR A 14 -11.06 -5.96 15.16
CA THR A 14 -11.30 -5.12 16.34
C THR A 14 -12.76 -4.71 16.39
N GLU A 15 -13.21 -4.28 17.56
CA GLU A 15 -14.62 -3.95 17.76
C GLU A 15 -15.09 -2.81 16.85
N ASP A 16 -14.21 -1.87 16.54
CA ASP A 16 -14.60 -0.75 15.71
C ASP A 16 -14.59 -1.10 14.21
N ASP A 17 -14.16 -2.31 13.85
CA ASP A 17 -14.22 -2.75 12.47
C ASP A 17 -15.63 -3.25 12.20
N LEU A 18 -16.01 -3.20 10.93
CA LEU A 18 -17.19 -3.86 10.45
C LEU A 18 -16.78 -5.22 9.91
N SER A 19 -17.50 -6.27 10.25
CA SER A 19 -17.38 -7.53 9.52
C SER A 19 -18.33 -7.45 8.35
N PHE A 20 -18.04 -8.13 7.25
CA PHE A 20 -18.96 -8.14 6.13
C PHE A 20 -18.75 -9.31 5.18
N HIS A 21 -19.77 -9.55 4.37
CA HIS A 21 -19.74 -10.62 3.38
C HIS A 21 -19.52 -9.97 2.02
N LYS A 22 -18.96 -10.74 1.11
CA LYS A 22 -18.82 -10.36 -0.29
C LYS A 22 -20.21 -9.97 -0.84
N GLY A 23 -20.32 -8.85 -1.55
CA GLY A 23 -21.60 -8.43 -2.10
C GLY A 23 -22.30 -7.39 -1.23
N GLU A 24 -21.90 -7.28 0.03
CA GLU A 24 -22.47 -6.28 0.92
C GLU A 24 -22.19 -4.89 0.40
N LYS A 25 -23.17 -3.99 0.58
CA LYS A 25 -23.09 -2.63 0.12
C LYS A 25 -22.92 -1.66 1.29
N PHE A 26 -22.23 -0.55 1.01
CA PHE A 26 -21.89 0.43 2.03
C PHE A 26 -22.08 1.84 1.57
N GLN A 27 -22.49 2.63 2.52
CA GLN A 27 -22.45 4.07 2.44
C GLN A 27 -21.17 4.48 3.19
N ILE A 28 -20.30 5.27 2.56
CA ILE A 28 -19.07 5.74 3.21
C ILE A 28 -19.34 6.99 3.99
N LEU A 29 -18.99 7.00 5.27
CA LEU A 29 -19.26 8.12 6.14
C LEU A 29 -18.04 9.03 6.31
N ASN A 30 -16.84 8.45 6.26
CA ASN A 30 -15.63 9.25 6.45
C ASN A 30 -14.45 8.47 5.91
N SER A 31 -13.79 9.04 4.91
CA SER A 31 -12.67 8.38 4.27
C SER A 31 -11.41 9.24 4.38
N SER A 32 -11.41 10.18 5.31
CA SER A 32 -10.37 11.16 5.37
C SER A 32 -9.21 10.82 6.32
N GLU A 33 -9.31 9.70 7.03
CA GLU A 33 -8.31 9.34 8.04
C GLU A 33 -7.25 8.36 7.54
N GLY A 34 -7.44 7.79 6.36
CA GLY A 34 -6.49 6.83 5.84
C GLY A 34 -7.16 5.79 4.98
N ASP A 35 -6.58 4.61 4.94
CA ASP A 35 -7.04 3.53 4.10
C ASP A 35 -8.15 2.69 4.72
N TRP A 36 -8.45 2.91 6.00
CA TRP A 36 -9.62 2.33 6.64
C TRP A 36 -10.66 3.43 6.72
N TRP A 37 -11.82 3.14 6.11
CA TRP A 37 -12.90 4.11 6.02
C TRP A 37 -14.03 3.77 7.00
N GLU A 38 -14.63 4.79 7.59
CA GLU A 38 -15.85 4.58 8.37
C GLU A 38 -17.02 4.45 7.40
N ALA A 39 -17.78 3.36 7.51
CA ALA A 39 -18.87 3.12 6.59
C ALA A 39 -20.12 2.60 7.31
N ARG A 40 -21.26 2.71 6.64
CA ARG A 40 -22.51 2.17 7.13
C ARG A 40 -22.92 1.05 6.21
N SER A 41 -23.08 -0.14 6.77
CA SER A 41 -23.56 -1.28 6.03
C SER A 41 -25.04 -1.10 5.68
N LEU A 42 -25.42 -1.30 4.43
CA LEU A 42 -26.80 -1.15 4.01
C LEU A 42 -27.58 -2.44 4.14
N THR A 43 -26.93 -3.48 4.61
CA THR A 43 -27.61 -4.72 4.89
C THR A 43 -27.96 -4.79 6.38
N THR A 44 -27.09 -4.29 7.27
CA THR A 44 -27.34 -4.41 8.72
C THR A 44 -27.56 -3.09 9.42
N GLY A 45 -27.17 -1.99 8.76
CA GLY A 45 -27.22 -0.69 9.38
C GLY A 45 -26.06 -0.41 10.34
N GLU A 46 -25.22 -1.40 10.64
CA GLU A 46 -24.06 -1.20 11.54
C GLU A 46 -23.01 -0.26 10.93
N THR A 47 -22.38 0.53 11.79
CA THR A 47 -21.28 1.40 11.36
C THR A 47 -19.94 0.91 11.92
N GLY A 48 -18.88 1.14 11.17
CA GLY A 48 -17.56 0.69 11.56
C GLY A 48 -16.54 0.90 10.45
N TYR A 49 -15.30 0.50 10.70
CA TYR A 49 -14.25 0.72 9.74
C TYR A 49 -14.12 -0.43 8.77
N ILE A 50 -13.83 -0.11 7.52
CA ILE A 50 -13.59 -1.15 6.53
C ILE A 50 -12.32 -0.88 5.72
N PRO A 51 -11.61 -1.93 5.30
CA PRO A 51 -10.40 -1.72 4.47
C PRO A 51 -10.76 -1.34 3.02
N SER A 52 -10.30 -0.19 2.56
CA SER A 52 -10.73 0.35 1.27
C SER A 52 -10.17 -0.34 0.02
N ASN A 53 -9.38 -1.39 0.20
CA ASN A 53 -8.98 -2.27 -0.88
C ASN A 53 -9.88 -3.52 -0.90
N TYR A 54 -10.87 -3.63 -0.02
CA TYR A 54 -11.82 -4.75 -0.08
C TYR A 54 -13.11 -4.39 -0.85
N VAL A 55 -13.17 -3.18 -1.37
CA VAL A 55 -14.40 -2.67 -1.99
C VAL A 55 -14.14 -2.04 -3.36
N ALA A 56 -15.23 -1.83 -4.10
CA ALA A 56 -15.21 -1.09 -5.35
C ALA A 56 -16.45 -0.22 -5.38
N PRO A 57 -16.38 0.93 -6.07
CA PRO A 57 -17.59 1.76 -6.20
C PRO A 57 -18.70 1.00 -6.95
N VAL A 58 -19.96 1.30 -6.63
CA VAL A 58 -21.10 0.63 -7.26
C VAL A 58 -21.47 1.34 -8.53
N LEU B 3 3.23 8.84 -20.47
CA LEU B 3 2.85 7.57 -21.06
C LEU B 3 3.25 6.37 -20.20
N PHE B 4 2.33 5.42 -20.06
CA PHE B 4 2.55 4.22 -19.25
C PHE B 4 2.18 2.96 -20.00
N VAL B 5 2.74 1.84 -19.58
CA VAL B 5 2.45 0.53 -20.14
C VAL B 5 2.02 -0.44 -19.04
N ALA B 6 1.05 -1.30 -19.38
CA ALA B 6 0.52 -2.27 -18.46
C ALA B 6 1.43 -3.47 -18.30
N LEU B 7 1.73 -3.84 -17.06
CA LEU B 7 2.58 -4.99 -16.75
C LEU B 7 1.78 -6.29 -16.53
N TYR B 8 0.48 -6.17 -16.32
CA TYR B 8 -0.41 -7.33 -16.05
C TYR B 8 -1.76 -7.07 -16.65
N ASP B 9 -2.54 -8.13 -16.82
CA ASP B 9 -3.93 -7.97 -17.20
C ASP B 9 -4.72 -7.46 -16.03
N TYR B 10 -5.78 -6.72 -16.32
CA TYR B 10 -6.73 -6.25 -15.31
C TYR B 10 -8.15 -6.22 -15.87
N GLU B 11 -9.07 -6.89 -15.18
CA GLU B 11 -10.49 -6.83 -15.52
C GLU B 11 -11.22 -5.83 -14.62
N ALA B 12 -11.94 -4.89 -15.22
CA ALA B 12 -12.64 -3.87 -14.46
C ALA B 12 -13.52 -4.48 -13.37
N ARG B 13 -13.50 -3.84 -12.21
CA ARG B 13 -14.30 -4.23 -11.06
C ARG B 13 -15.54 -3.32 -11.00
N THR B 14 -15.54 -2.27 -11.81
CA THR B 14 -16.63 -1.30 -11.86
C THR B 14 -16.65 -0.63 -13.24
N GLU B 15 -17.76 0.00 -13.61
CA GLU B 15 -17.92 0.58 -14.95
C GLU B 15 -16.90 1.67 -15.25
N ASP B 16 -16.50 2.42 -14.23
CA ASP B 16 -15.55 3.51 -14.39
C ASP B 16 -14.09 3.04 -14.42
N ASP B 17 -13.85 1.76 -14.24
CA ASP B 17 -12.53 1.19 -14.40
C ASP B 17 -12.28 0.90 -15.88
N LEU B 18 -11.01 0.93 -16.26
CA LEU B 18 -10.58 0.41 -17.53
C LEU B 18 -10.14 -1.03 -17.36
N SER B 19 -10.61 -1.91 -18.26
CA SER B 19 -10.02 -3.23 -18.40
C SER B 19 -8.87 -3.11 -19.38
N PHE B 20 -7.84 -3.93 -19.22
CA PHE B 20 -6.70 -3.86 -20.13
C PHE B 20 -5.88 -5.13 -20.10
N HIS B 21 -5.06 -5.29 -21.14
CA HIS B 21 -4.17 -6.44 -21.27
C HIS B 21 -2.76 -5.99 -21.04
N LYS B 22 -1.91 -6.93 -20.66
CA LYS B 22 -0.49 -6.69 -20.54
C LYS B 22 0.04 -6.14 -21.87
N GLY B 23 0.84 -5.07 -21.82
CA GLY B 23 1.40 -4.52 -23.04
C GLY B 23 0.61 -3.32 -23.54
N GLU B 24 -0.62 -3.17 -23.09
CA GLU B 24 -1.42 -2.02 -23.47
C GLU B 24 -0.76 -0.72 -23.01
N LYS B 25 -0.90 0.34 -23.80
CA LYS B 25 -0.30 1.62 -23.47
C LYS B 25 -1.33 2.68 -23.10
N PHE B 26 -0.93 3.58 -22.21
CA PHE B 26 -1.82 4.61 -21.67
C PHE B 26 -1.25 6.00 -21.63
N GLN B 27 -2.17 6.93 -21.86
CA GLN B 27 -1.98 8.33 -21.55
C GLN B 27 -2.70 8.56 -20.22
N ILE B 28 -2.02 9.15 -19.25
CA ILE B 28 -2.63 9.45 -17.94
C ILE B 28 -3.34 10.80 -17.96
N LEU B 29 -4.61 10.78 -17.62
CA LEU B 29 -5.43 11.99 -17.65
C LEU B 29 -5.54 12.65 -16.28
N ASN B 30 -5.53 11.86 -15.23
CA ASN B 30 -5.62 12.40 -13.87
C ASN B 30 -5.08 11.43 -12.84
N SER B 31 -4.01 11.84 -12.19
CA SER B 31 -3.33 11.03 -11.19
C SER B 31 -3.34 11.71 -9.83
N SER B 32 -4.24 12.66 -9.67
CA SER B 32 -4.26 13.47 -8.46
C SER B 32 -5.24 12.97 -7.37
N GLU B 33 -5.98 11.90 -7.64
CA GLU B 33 -7.01 11.44 -6.70
C GLU B 33 -6.59 10.29 -5.80
N GLY B 34 -5.42 9.70 -6.05
CA GLY B 34 -4.94 8.57 -5.27
C GLY B 34 -4.16 7.61 -6.13
N ASP B 35 -4.19 6.34 -5.77
CA ASP B 35 -3.44 5.31 -6.46
C ASP B 35 -4.19 4.74 -7.67
N TRP B 36 -5.45 5.15 -7.88
CA TRP B 36 -6.18 4.84 -9.10
C TRP B 36 -6.16 6.10 -9.93
N TRP B 37 -5.62 5.98 -11.15
CA TRP B 37 -5.45 7.11 -12.07
C TRP B 37 -6.44 7.04 -13.20
N GLU B 38 -7.00 8.17 -13.62
CA GLU B 38 -7.81 8.14 -14.84
C GLU B 38 -6.87 8.15 -16.06
N ALA B 39 -7.09 7.23 -16.99
CA ALA B 39 -6.22 7.04 -18.16
C ALA B 39 -7.00 6.87 -19.47
N ARG B 40 -6.30 7.04 -20.59
CA ARG B 40 -6.87 6.78 -21.91
C ARG B 40 -6.07 5.65 -22.50
N SER B 41 -6.75 4.58 -22.87
CA SER B 41 -6.13 3.47 -23.56
C SER B 41 -5.74 3.92 -24.94
N LEU B 42 -4.50 3.68 -25.34
CA LEU B 42 -4.07 4.08 -26.67
C LEU B 42 -4.32 2.96 -27.68
N THR B 43 -4.96 1.90 -27.21
CA THR B 43 -5.36 0.83 -28.08
C THR B 43 -6.83 1.02 -28.48
N THR B 44 -7.68 1.45 -27.54
CA THR B 44 -9.12 1.56 -27.78
C THR B 44 -9.66 2.99 -27.70
N GLY B 45 -8.91 3.89 -27.09
CA GLY B 45 -9.42 5.23 -26.87
C GLY B 45 -10.35 5.29 -25.66
N GLU B 46 -10.63 4.15 -25.06
CA GLU B 46 -11.50 4.10 -23.89
C GLU B 46 -10.84 4.79 -22.69
N THR B 47 -11.63 5.53 -21.91
CA THR B 47 -11.11 6.17 -20.70
C THR B 47 -11.72 5.55 -19.44
N GLY B 48 -10.95 5.56 -18.36
CA GLY B 48 -11.34 4.99 -17.08
C GLY B 48 -10.19 4.96 -16.08
N TYR B 49 -10.47 4.43 -14.89
CA TYR B 49 -9.45 4.41 -13.85
C TYR B 49 -8.64 3.12 -13.94
N ILE B 50 -7.33 3.21 -13.69
CA ILE B 50 -6.49 2.03 -13.65
C ILE B 50 -5.67 2.05 -12.35
N PRO B 51 -5.32 0.89 -11.81
CA PRO B 51 -4.46 0.83 -10.61
C PRO B 51 -2.99 1.13 -10.96
N SER B 52 -2.40 2.15 -10.35
CA SER B 52 -1.08 2.63 -10.73
C SER B 52 0.09 1.71 -10.32
N ASN B 53 -0.19 0.57 -9.72
CA ASN B 53 0.85 -0.44 -9.51
C ASN B 53 0.81 -1.52 -10.58
N TYR B 54 -0.09 -1.41 -11.57
CA TYR B 54 -0.15 -2.35 -12.68
C TYR B 54 0.59 -1.85 -13.91
N VAL B 55 1.21 -0.68 -13.80
CA VAL B 55 1.81 -0.03 -14.94
C VAL B 55 3.24 0.44 -14.65
N ALA B 56 3.95 0.74 -15.71
CA ALA B 56 5.28 1.31 -15.61
C ALA B 56 5.44 2.38 -16.70
N PRO B 57 6.25 3.41 -16.42
CA PRO B 57 6.51 4.43 -17.43
C PRO B 57 7.19 3.84 -18.67
N VAL B 58 6.88 4.42 -19.82
CA VAL B 58 7.38 3.91 -21.10
C VAL B 58 8.72 4.52 -21.42
N LEU C 3 21.32 6.12 4.40
CA LEU C 3 21.74 4.96 3.61
C LEU C 3 20.83 3.75 3.77
N PHE C 4 20.58 3.05 2.66
CA PHE C 4 19.70 1.90 2.66
C PHE C 4 20.35 0.69 2.01
N VAL C 5 19.85 -0.49 2.36
CA VAL C 5 20.33 -1.73 1.76
C VAL C 5 19.15 -2.47 1.10
N ALA C 6 19.43 -3.12 -0.03
CA ALA C 6 18.40 -3.85 -0.75
C ALA C 6 18.17 -5.19 -0.09
N LEU C 7 16.89 -5.51 0.18
CA LEU C 7 16.51 -6.81 0.76
C LEU C 7 16.20 -7.89 -0.30
N TYR C 8 16.00 -7.49 -1.54
CA TYR C 8 15.72 -8.42 -2.65
C TYR C 8 16.38 -7.91 -3.90
N ASP C 9 16.49 -8.79 -4.89
CA ASP C 9 16.92 -8.40 -6.21
C ASP C 9 15.78 -7.65 -6.87
N TYR C 10 16.10 -6.70 -7.73
CA TYR C 10 15.11 -5.99 -8.53
C TYR C 10 15.62 -5.74 -9.93
N GLU C 11 14.82 -6.15 -10.91
CA GLU C 11 15.09 -5.90 -12.32
C GLU C 11 14.27 -4.71 -12.78
N ALA C 12 14.93 -3.69 -13.32
CA ALA C 12 14.26 -2.48 -13.75
C ALA C 12 13.13 -2.75 -14.76
N ARG C 13 12.01 -2.05 -14.59
CA ARG C 13 10.88 -2.13 -15.51
C ARG C 13 10.80 -0.93 -16.43
N THR C 14 11.70 0.02 -16.25
CA THR C 14 11.77 1.20 -17.08
C THR C 14 13.22 1.69 -17.04
N GLU C 15 13.59 2.52 -18.01
CA GLU C 15 14.98 2.96 -18.14
C GLU C 15 15.44 3.76 -16.92
N ASP C 16 14.54 4.56 -16.35
CA ASP C 16 14.90 5.41 -15.23
C ASP C 16 14.88 4.66 -13.90
N ASP C 17 14.52 3.39 -13.92
CA ASP C 17 14.61 2.56 -12.72
C ASP C 17 16.07 2.14 -12.59
N LEU C 18 16.47 1.82 -11.37
CA LEU C 18 17.71 1.12 -11.08
C LEU C 18 17.47 -0.38 -10.92
N SER C 19 18.29 -1.20 -11.54
CA SER C 19 18.34 -2.62 -11.21
C SER C 19 19.33 -2.84 -10.08
N PHE C 20 19.10 -3.84 -9.25
CA PHE C 20 20.02 -4.12 -8.17
C PHE C 20 19.89 -5.52 -7.61
N HIS C 21 20.92 -5.92 -6.86
CA HIS C 21 20.97 -7.22 -6.22
C HIS C 21 20.74 -7.04 -4.73
N LYS C 22 20.33 -8.11 -4.09
CA LYS C 22 20.19 -8.14 -2.64
C LYS C 22 21.54 -7.79 -2.02
N GLY C 23 21.53 -6.93 -1.00
CA GLY C 23 22.75 -6.57 -0.31
C GLY C 23 23.34 -5.27 -0.80
N GLU C 24 22.93 -4.85 -1.99
CA GLU C 24 23.41 -3.59 -2.56
C GLU C 24 23.03 -2.42 -1.63
N LYS C 25 23.89 -1.41 -1.55
CA LYS C 25 23.63 -0.25 -0.72
C LYS C 25 23.39 1.01 -1.55
N PHE C 26 22.58 1.91 -1.01
CA PHE C 26 22.14 3.11 -1.73
C PHE C 26 22.19 4.35 -0.90
N GLN C 27 22.48 5.45 -1.58
CA GLN C 27 22.29 6.78 -1.05
C GLN C 27 20.99 7.30 -1.66
N ILE C 28 20.08 7.77 -0.82
CA ILE C 28 18.81 8.29 -1.31
C ILE C 28 18.99 9.74 -1.66
N LEU C 29 18.63 10.08 -2.89
CA LEU C 29 18.79 11.42 -3.44
C LEU C 29 17.49 12.22 -3.39
N ASN C 30 16.37 11.50 -3.49
CA ASN C 30 15.05 12.14 -3.54
C ASN C 30 13.95 11.17 -3.18
N SER C 31 13.28 11.42 -2.07
CA SER C 31 12.21 10.53 -1.57
C SER C 31 10.89 11.24 -1.41
N SER C 32 10.75 12.41 -2.03
CA SER C 32 9.59 13.24 -1.79
C SER C 32 8.49 13.08 -2.85
N GLU C 33 8.72 12.23 -3.84
CA GLU C 33 7.77 12.10 -4.95
C GLU C 33 6.82 10.91 -4.80
N GLY C 34 7.05 10.04 -3.81
CA GLY C 34 6.20 8.88 -3.58
C GLY C 34 6.98 7.69 -3.09
N ASP C 35 6.48 6.50 -3.37
CA ASP C 35 7.07 5.27 -2.89
C ASP C 35 8.23 4.77 -3.76
N TRP C 36 8.45 5.42 -4.89
CA TRP C 36 9.64 5.14 -5.68
C TRP C 36 10.60 6.29 -5.39
N TRP C 37 11.79 5.94 -4.91
CA TRP C 37 12.79 6.94 -4.54
C TRP C 37 13.91 7.00 -5.55
N GLU C 38 14.39 8.20 -5.84
CA GLU C 38 15.61 8.35 -6.62
C GLU C 38 16.81 8.05 -5.70
N ALA C 39 17.65 7.12 -6.12
CA ALA C 39 18.77 6.64 -5.35
C ALA C 39 20.03 6.54 -6.18
N ARG C 40 21.17 6.52 -5.48
CA ARG C 40 22.47 6.28 -6.09
C ARG C 40 23.03 4.98 -5.59
N SER C 41 23.35 4.07 -6.51
CA SER C 41 23.97 2.80 -6.12
C SER C 41 25.38 3.06 -5.66
N LEU C 42 25.75 2.50 -4.52
CA LEU C 42 27.10 2.69 -4.02
C LEU C 42 27.99 1.55 -4.54
N THR C 43 27.43 0.65 -5.34
CA THR C 43 28.20 -0.42 -5.95
C THR C 43 28.65 -0.01 -7.35
N THR C 44 27.77 0.67 -8.08
CA THR C 44 28.00 1.03 -9.47
C THR C 44 28.08 2.53 -9.70
N GLY C 45 27.59 3.31 -8.76
CA GLY C 45 27.49 4.74 -8.96
C GLY C 45 26.27 5.12 -9.82
N GLU C 46 25.58 4.12 -10.36
CA GLU C 46 24.38 4.38 -11.16
C GLU C 46 23.27 5.00 -10.32
N THR C 47 22.55 5.96 -10.90
CA THR C 47 21.40 6.58 -10.23
C THR C 47 20.11 6.18 -10.95
N GLY C 48 19.01 6.13 -10.20
CA GLY C 48 17.72 5.76 -10.73
C GLY C 48 16.69 5.57 -9.61
N TYR C 49 15.46 5.22 -10.00
CA TYR C 49 14.38 5.04 -9.04
C TYR C 49 14.36 3.62 -8.51
N ILE C 50 14.08 3.48 -7.22
CA ILE C 50 13.95 2.17 -6.59
C ILE C 50 12.66 2.09 -5.76
N PRO C 51 12.07 0.90 -5.63
CA PRO C 51 10.86 0.71 -4.80
C PRO C 51 11.24 0.65 -3.33
N SER C 52 10.70 1.57 -2.54
CA SER C 52 11.09 1.73 -1.15
C SER C 52 10.57 0.67 -0.18
N ASN C 53 9.88 -0.34 -0.69
CA ASN C 53 9.57 -1.51 0.11
C ASN C 53 10.56 -2.62 -0.22
N TYR C 54 11.54 -2.36 -1.08
CA TYR C 54 12.56 -3.37 -1.35
C TYR C 54 13.82 -3.15 -0.51
N VAL C 55 13.79 -2.14 0.34
CA VAL C 55 14.99 -1.72 1.07
C VAL C 55 14.73 -1.56 2.58
N ALA C 56 15.82 -1.48 3.34
CA ALA C 56 15.76 -1.18 4.76
C ALA C 56 16.96 -0.28 5.12
N PRO C 57 16.79 0.59 6.14
CA PRO C 57 17.92 1.42 6.60
C PRO C 57 19.11 0.58 7.08
N VAL C 58 20.33 1.08 6.89
CA VAL C 58 21.55 0.33 7.21
C VAL C 58 21.99 0.53 8.65
N THR D 2 -4.91 4.17 22.14
CA THR D 2 -3.58 4.22 21.55
C THR D 2 -2.79 2.93 21.80
N LEU D 3 -3.52 1.83 22.03
CA LEU D 3 -2.89 0.51 22.19
C LEU D 3 -3.19 -0.39 20.98
N PHE D 4 -2.18 -1.13 20.52
CA PHE D 4 -2.33 -1.99 19.36
C PHE D 4 -1.81 -3.35 19.70
N VAL D 5 -2.28 -4.36 18.98
CA VAL D 5 -1.82 -5.73 19.17
C VAL D 5 -1.31 -6.26 17.81
N ALA D 6 -0.28 -7.09 17.86
CA ALA D 6 0.31 -7.67 16.65
C ALA D 6 -0.53 -8.82 16.13
N LEU D 7 -0.86 -8.78 14.84
CA LEU D 7 -1.62 -9.85 14.21
C LEU D 7 -0.71 -10.94 13.66
N TYR D 8 0.58 -10.65 13.54
CA TYR D 8 1.56 -11.57 12.98
C TYR D 8 2.89 -11.40 13.68
N ASP D 9 3.76 -12.38 13.53
CA ASP D 9 5.14 -12.27 13.98
C ASP D 9 5.91 -11.37 13.02
N TYR D 10 6.92 -10.68 13.53
CA TYR D 10 7.80 -9.86 12.70
C TYR D 10 9.24 -9.88 13.23
N GLU D 11 10.17 -10.22 12.34
CA GLU D 11 11.59 -10.20 12.65
C GLU D 11 12.15 -8.90 12.12
N ALA D 12 12.79 -8.13 12.99
CA ALA D 12 13.36 -6.84 12.60
C ALA D 12 14.32 -6.95 11.41
N ARG D 13 14.24 -5.97 10.50
CA ARG D 13 15.10 -5.91 9.33
C ARG D 13 16.24 -4.93 9.55
N THR D 14 16.15 -4.16 10.63
CA THR D 14 17.16 -3.15 10.97
C THR D 14 17.14 -2.94 12.48
N GLU D 15 18.18 -2.34 13.00
CA GLU D 15 18.36 -2.17 14.43
C GLU D 15 17.24 -1.32 15.03
N ASP D 16 16.79 -0.31 14.29
CA ASP D 16 15.76 0.57 14.81
C ASP D 16 14.36 -0.01 14.70
N ASP D 17 14.25 -1.20 14.11
CA ASP D 17 12.99 -1.92 14.05
C ASP D 17 12.76 -2.64 15.38
N LEU D 18 11.49 -2.92 15.69
CA LEU D 18 11.14 -3.82 16.78
C LEU D 18 10.88 -5.20 16.21
N SER D 19 11.38 -6.24 16.83
CA SER D 19 10.91 -7.59 16.52
C SER D 19 9.73 -7.87 17.44
N PHE D 20 8.79 -8.70 17.02
CA PHE D 20 7.68 -9.04 17.92
C PHE D 20 6.95 -10.31 17.52
N HIS D 21 6.21 -10.88 18.47
CA HIS D 21 5.41 -12.08 18.21
C HIS D 21 3.95 -11.66 18.07
N LYS D 22 3.14 -12.46 17.37
CA LYS D 22 1.70 -12.24 17.28
C LYS D 22 1.10 -12.17 18.68
N GLY D 23 0.26 -11.17 18.95
CA GLY D 23 -0.37 -11.03 20.26
C GLY D 23 0.30 -9.99 21.14
N GLU D 24 1.53 -9.62 20.82
CA GLU D 24 2.27 -8.62 21.58
C GLU D 24 1.53 -7.31 21.49
N LYS D 25 1.57 -6.53 22.57
CA LYS D 25 0.86 -5.25 22.62
C LYS D 25 1.80 -4.06 22.62
N PHE D 26 1.31 -2.95 22.07
CA PHE D 26 2.14 -1.79 21.88
C PHE D 26 1.45 -0.52 22.24
N GLN D 27 2.25 0.38 22.78
CA GLN D 27 1.93 1.77 22.89
C GLN D 27 2.61 2.46 21.69
N ILE D 28 1.86 3.23 20.91
CA ILE D 28 2.41 3.93 19.75
C ILE D 28 2.95 5.30 20.19
N LEU D 29 4.20 5.55 19.87
CA LEU D 29 4.91 6.77 20.28
C LEU D 29 4.93 7.81 19.17
N ASN D 30 4.90 7.34 17.94
CA ASN D 30 4.99 8.24 16.81
C ASN D 30 4.51 7.60 15.52
N SER D 31 3.43 8.15 14.99
CA SER D 31 2.80 7.63 13.80
C SER D 31 2.70 8.65 12.70
N SER D 32 3.47 9.73 12.80
CA SER D 32 3.33 10.83 11.83
C SER D 32 4.33 10.78 10.66
N GLU D 33 5.24 9.81 10.65
CA GLU D 33 6.33 9.76 9.65
C GLU D 33 6.05 8.82 8.48
N GLY D 34 4.99 8.02 8.57
CA GLY D 34 4.62 7.10 7.50
C GLY D 34 3.97 5.82 8.00
N ASP D 35 4.10 4.75 7.25
CA ASP D 35 3.47 3.48 7.58
C ASP D 35 4.26 2.64 8.58
N TRP D 36 5.48 3.06 8.89
CA TRP D 36 6.24 2.46 9.99
C TRP D 36 6.10 3.40 11.19
N TRP D 37 5.58 2.86 12.29
CA TRP D 37 5.32 3.67 13.49
C TRP D 37 6.36 3.39 14.58
N GLU D 38 6.78 4.41 15.30
CA GLU D 38 7.60 4.17 16.48
C GLU D 38 6.68 3.70 17.63
N ALA D 39 7.04 2.56 18.23
CA ALA D 39 6.24 1.91 19.25
C ALA D 39 7.06 1.47 20.45
N ARG D 40 6.35 1.25 21.55
CA ARG D 40 6.92 0.69 22.76
C ARG D 40 6.23 -0.64 23.02
N SER D 41 7.01 -1.70 23.08
CA SER D 41 6.48 -3.02 23.42
C SER D 41 6.10 -3.02 24.89
N LEU D 42 4.90 -3.47 25.20
CA LEU D 42 4.45 -3.51 26.59
C LEU D 42 4.89 -4.82 27.24
N THR D 43 5.60 -5.66 26.49
CA THR D 43 6.10 -6.90 27.04
C THR D 43 7.56 -6.74 27.49
N THR D 44 8.35 -5.99 26.70
CA THR D 44 9.79 -5.85 26.95
C THR D 44 10.23 -4.44 27.31
N GLY D 45 9.39 -3.44 27.03
CA GLY D 45 9.78 -2.06 27.22
C GLY D 45 10.63 -1.55 26.07
N GLU D 46 11.00 -2.42 25.14
CA GLU D 46 11.82 -2.02 23.98
C GLU D 46 11.06 -1.04 23.08
N THR D 47 11.77 -0.07 22.52
CA THR D 47 11.19 0.88 21.58
C THR D 47 11.80 0.66 20.19
N GLY D 48 11.01 0.93 19.16
CA GLY D 48 11.45 0.77 17.77
C GLY D 48 10.30 0.90 16.78
N TYR D 49 10.62 0.76 15.49
CA TYR D 49 9.64 0.96 14.44
C TYR D 49 8.92 -0.34 14.13
N ILE D 50 7.61 -0.24 13.87
CA ILE D 50 6.83 -1.42 13.48
C ILE D 50 5.99 -1.12 12.24
N PRO D 51 5.77 -2.13 11.39
CA PRO D 51 4.89 -1.95 10.21
C PRO D 51 3.41 -1.92 10.62
N SER D 52 2.74 -0.81 10.33
CA SER D 52 1.40 -0.60 10.82
C SER D 52 0.30 -1.43 10.13
N ASN D 53 0.66 -2.28 9.18
CA ASN D 53 -0.28 -3.26 8.62
C ASN D 53 -0.13 -4.62 9.31
N TYR D 54 0.75 -4.70 10.31
CA TYR D 54 0.90 -5.94 11.10
C TYR D 54 0.13 -5.90 12.42
N VAL D 55 -0.60 -4.81 12.66
CA VAL D 55 -1.29 -4.60 13.95
C VAL D 55 -2.76 -4.17 13.78
N ALA D 56 -3.50 -4.28 14.85
CA ALA D 56 -4.87 -3.81 14.95
C ALA D 56 -5.05 -3.15 16.30
N PRO D 57 -5.93 -2.14 16.37
CA PRO D 57 -6.22 -1.51 17.66
C PRO D 57 -6.84 -2.50 18.68
N VAL D 58 -6.55 -2.28 19.96
CA VAL D 58 -7.02 -3.14 21.03
C VAL D 58 -8.39 -2.66 21.43
N ALA E 1 -8.51 -13.26 -0.72
CA ALA E 1 -8.60 -12.10 0.24
C ALA E 1 -7.28 -11.35 0.23
N PRO E 2 -7.29 -10.07 -0.15
CA PRO E 2 -6.02 -9.35 -0.24
C PRO E 2 -5.45 -9.00 1.14
N PRO E 3 -4.16 -8.63 1.21
CA PRO E 3 -3.54 -8.20 2.47
C PRO E 3 -4.24 -6.96 2.96
N LEU E 4 -4.30 -6.79 4.27
CA LEU E 4 -4.97 -5.63 4.82
C LEU E 4 -4.07 -4.42 4.69
N PRO E 5 -4.68 -3.25 4.52
CA PRO E 5 -3.86 -2.04 4.40
C PRO E 5 -3.41 -1.54 5.77
N PRO E 6 -2.38 -0.69 5.76
CA PRO E 6 -1.93 -0.08 7.01
C PRO E 6 -3.08 0.60 7.80
N ARG E 7 -3.07 0.45 9.11
CA ARG E 7 -4.09 1.07 9.93
C ARG E 7 -3.98 2.59 9.88
N ASN E 8 -5.10 3.27 10.14
CA ASN E 8 -5.14 4.72 10.24
C ASN E 8 -4.35 5.15 11.47
N ARG E 9 -3.82 6.37 11.43
CA ARG E 9 -3.10 6.91 12.58
C ARG E 9 -4.05 7.03 13.76
N PRO E 10 -3.57 6.70 14.98
CA PRO E 10 -4.37 6.88 16.19
C PRO E 10 -4.78 8.33 16.41
N ALA F 1 -0.26 -11.56 -10.68
CA ALA F 1 -1.10 -10.32 -10.69
C ALA F 1 -1.15 -9.82 -9.26
N PRO F 2 -0.60 -8.64 -9.00
CA PRO F 2 -0.50 -8.15 -7.64
C PRO F 2 -1.81 -7.64 -7.02
N PRO F 3 -1.84 -7.51 -5.68
CA PRO F 3 -3.06 -6.98 -5.02
C PRO F 3 -3.34 -5.57 -5.49
N LEU F 4 -4.60 -5.19 -5.55
CA LEU F 4 -4.97 -3.86 -6.01
C LEU F 4 -4.78 -2.84 -4.92
N PRO F 5 -4.53 -1.60 -5.30
CA PRO F 5 -4.37 -0.59 -4.25
C PRO F 5 -5.71 -0.15 -3.68
N PRO F 6 -5.69 0.41 -2.47
CA PRO F 6 -6.91 0.99 -1.91
C PRO F 6 -7.54 1.98 -2.90
N ARG F 7 -8.87 1.97 -2.95
CA ARG F 7 -9.59 2.84 -3.85
C ARG F 7 -9.37 4.28 -3.42
N ASN F 8 -9.53 5.18 -4.38
CA ASN F 8 -9.48 6.62 -4.16
C ASN F 8 -10.64 7.04 -3.27
N ARG F 9 -10.46 8.16 -2.57
CA ARG F 9 -11.51 8.67 -1.71
C ARG F 9 -12.73 9.03 -2.53
N PRO F 10 -13.94 8.76 -2.00
CA PRO F 10 -15.15 9.12 -2.73
C PRO F 10 -15.25 10.61 -3.04
N ALA G 1 10.27 -12.18 -3.69
CA ALA G 1 10.25 -10.74 -4.08
C ALA G 1 8.85 -10.12 -3.89
N PRO G 2 8.72 -9.07 -3.06
CA PRO G 2 7.39 -8.50 -2.80
C PRO G 2 6.78 -7.74 -3.98
N PRO G 3 5.47 -7.53 -3.95
CA PRO G 3 4.78 -6.77 -5.00
C PRO G 3 5.30 -5.36 -5.03
N LEU G 4 5.30 -4.74 -6.19
CA LEU G 4 5.82 -3.39 -6.31
C LEU G 4 4.82 -2.35 -5.86
N PRO G 5 5.32 -1.23 -5.35
CA PRO G 5 4.42 -0.15 -4.92
C PRO G 5 3.87 0.65 -6.10
N PRO G 6 2.74 1.32 -5.89
CA PRO G 6 2.20 2.19 -6.92
C PRO G 6 3.26 3.22 -7.42
N ARG G 7 3.24 3.46 -8.71
CA ARG G 7 4.18 4.39 -9.30
C ARG G 7 3.95 5.83 -8.80
N ASN G 8 5.00 6.66 -8.82
CA ASN G 8 4.85 8.07 -8.47
C ASN G 8 3.93 8.80 -9.45
N ARG G 9 3.19 9.78 -8.93
CA ARG G 9 2.23 10.58 -9.71
C ARG G 9 2.89 11.47 -10.75
N ALA H 1 2.10 -14.13 6.95
CA ALA H 1 2.94 -12.90 6.99
C ALA H 1 2.80 -12.06 5.70
N PRO H 2 2.12 -10.90 5.80
CA PRO H 2 1.86 -10.06 4.64
C PRO H 2 3.05 -9.22 4.21
N PRO H 3 3.01 -8.67 2.98
CA PRO H 3 4.10 -7.78 2.55
C PRO H 3 4.24 -6.55 3.43
N LEU H 4 5.49 -6.11 3.60
CA LEU H 4 5.79 -4.95 4.41
C LEU H 4 5.52 -3.66 3.66
N PRO H 5 5.15 -2.63 4.40
CA PRO H 5 4.87 -1.36 3.71
C PRO H 5 6.17 -0.66 3.35
N PRO H 6 6.11 0.26 2.36
CA PRO H 6 7.27 1.05 1.99
C PRO H 6 7.84 1.77 3.20
N ARG H 7 9.16 1.88 3.26
CA ARG H 7 9.80 2.52 4.40
C ARG H 7 9.44 4.01 4.48
N ASN H 8 9.52 4.58 5.67
CA ASN H 8 9.31 6.01 5.86
C ASN H 8 10.37 6.81 5.12
N ARG H 9 10.03 8.02 4.69
CA ARG H 9 10.99 8.88 3.98
C ARG H 9 12.09 9.22 4.96
N PRO H 10 13.36 9.25 4.49
CA PRO H 10 14.44 9.67 5.40
C PRO H 10 14.27 11.11 5.92
#